data_4X7H
#
_entry.id   4X7H
#
_cell.length_a   81.428
_cell.length_b   81.428
_cell.length_c   127.933
_cell.angle_alpha   90.000
_cell.angle_beta   90.000
_cell.angle_gamma   90.000
#
_symmetry.space_group_name_H-M   'P 41 21 2'
#
loop_
_entity.id
_entity.type
_entity.pdbx_description
1 polymer 'Eukaryotic translation initiation factor 2-alpha kinase 3,Eukaryotic translation initiation factor 2-alpha kinase 3'
2 non-polymer N-{5-[(6,7-dimethoxyquinolin-4-yl)oxy]pyridin-2-yl}-1-methyl-3-oxo-2-phenyl-5-(pyridin-4-yl)-2,3-dihydro-1H-pyrazole-4-carboxamide
3 non-polymer 'SULFATE ION'
4 water water
#
_entity_poly.entity_id   1
_entity_poly.type   'polypeptide(L)'
_entity_poly.pdbx_seq_one_letter_code
;GSSSWNDIKNSGYISRYLTDFEPIQCLGRGGFGVVFEAKNKVDDCNYAIKRIRLPNRELAREKVMREVKALAKLEHPGIV
RYFNAWLEAPPEKWQEKLQPSSPKVYLYIQMQLCRKENLKDWMNGRCTIEERERSVCLHIFLQIAEAVEFLHSKGLMHRN
LKPSNIFFTMDDVVKVGDFGLVTAMDQDEEEQTVLTPMPAYARHTGQVGTKLYMSPEQIHGNSYSHKVDIFSLGLILFEL
LYPFSTQMERVRTLTDVRNLKFPPLFTQKYPCEYVMVQDMLSPSPMERPEAINIIENAVFEDLDFPGKTVLRQRSRS
;
_entity_poly.pdbx_strand_id   A
#
loop_
_chem_comp.id
_chem_comp.type
_chem_comp.name
_chem_comp.formula
3Z2 non-polymer N-{5-[(6,7-dimethoxyquinolin-4-yl)oxy]pyridin-2-yl}-1-methyl-3-oxo-2-phenyl-5-(pyridin-4-yl)-2,3-dihydro-1H-pyrazole-4-carboxamide 'C32 H26 N6 O5'
SO4 non-polymer 'SULFATE ION' 'O4 S -2'
#
# COMPACT_ATOMS: atom_id res chain seq x y z
N TYR A 13 5.26 -5.78 -37.05
CA TYR A 13 4.38 -5.26 -35.96
C TYR A 13 5.06 -4.11 -35.21
N ILE A 14 4.31 -3.05 -34.96
CA ILE A 14 4.83 -1.89 -34.22
C ILE A 14 4.37 -1.88 -32.75
N SER A 15 5.33 -2.06 -31.84
CA SER A 15 5.06 -2.03 -30.41
C SER A 15 5.07 -0.60 -29.90
N ARG A 16 3.93 -0.16 -29.35
CA ARG A 16 3.81 1.17 -28.79
C ARG A 16 4.82 1.43 -27.68
N TYR A 17 5.02 0.43 -26.81
CA TYR A 17 5.98 0.52 -25.72
C TYR A 17 7.40 0.77 -26.21
N LEU A 18 7.84 0.00 -27.20
CA LEU A 18 9.20 0.15 -27.73
C LEU A 18 9.37 1.40 -28.60
N THR A 19 8.27 1.87 -29.18
CA THR A 19 8.29 3.07 -30.01
C THR A 19 8.40 4.36 -29.19
N ASP A 20 7.66 4.41 -28.08
CA ASP A 20 7.53 5.63 -27.27
C ASP A 20 8.49 5.72 -26.08
N PHE A 21 9.04 4.59 -25.66
CA PHE A 21 9.85 4.55 -24.46
C PHE A 21 11.23 3.94 -24.68
N GLU A 22 12.20 4.44 -23.92
N GLU A 22 12.20 4.44 -23.91
CA GLU A 22 13.52 3.82 -23.81
CA GLU A 22 13.52 3.82 -23.81
C GLU A 22 13.56 3.04 -22.50
C GLU A 22 13.59 3.04 -22.50
N PRO A 23 13.65 1.69 -22.58
CA PRO A 23 13.72 0.85 -21.37
C PRO A 23 14.98 1.14 -20.56
N ILE A 24 14.83 1.23 -19.24
CA ILE A 24 15.97 1.50 -18.36
C ILE A 24 16.33 0.26 -17.55
N GLN A 25 15.35 -0.29 -16.83
CA GLN A 25 15.57 -1.50 -16.03
C GLN A 25 14.27 -2.21 -15.71
N CYS A 26 14.38 -3.48 -15.36
CA CYS A 26 13.28 -4.21 -14.79
C CYS A 26 13.24 -3.96 -13.28
N LEU A 27 12.12 -3.46 -12.79
CA LEU A 27 11.98 -3.11 -11.38
C LEU A 27 11.54 -4.29 -10.51
N GLY A 28 10.74 -5.19 -11.09
CA GLY A 28 10.23 -6.34 -10.36
C GLY A 28 9.30 -7.18 -11.20
N ARG A 29 9.09 -8.42 -10.74
CA ARG A 29 8.25 -9.38 -11.45
C ARG A 29 7.28 -10.07 -10.50
N GLY A 30 6.06 -10.28 -10.99
CA GLY A 30 5.03 -11.00 -10.25
C GLY A 30 4.28 -11.98 -11.14
N GLY A 31 3.23 -12.58 -10.59
CA GLY A 31 2.39 -13.53 -11.33
C GLY A 31 1.55 -12.86 -12.41
N PHE A 32 1.20 -11.60 -12.16
CA PHE A 32 0.48 -10.76 -13.13
C PHE A 32 1.34 -10.44 -14.35
N GLY A 33 2.64 -10.21 -14.11
CA GLY A 33 3.54 -9.70 -15.14
C GLY A 33 4.80 -9.05 -14.58
N VAL A 34 5.11 -7.86 -15.08
N VAL A 34 5.12 -7.86 -15.10
CA VAL A 34 6.37 -7.19 -14.80
CA VAL A 34 6.40 -7.20 -14.85
C VAL A 34 6.20 -5.68 -14.67
C VAL A 34 6.26 -5.68 -14.74
N VAL A 35 7.07 -5.06 -13.88
CA VAL A 35 7.15 -3.58 -13.80
C VAL A 35 8.54 -3.13 -14.28
N PHE A 36 8.56 -2.23 -15.27
CA PHE A 36 9.81 -1.67 -15.79
C PHE A 36 9.93 -0.19 -15.45
N GLU A 37 11.16 0.29 -15.36
CA GLU A 37 11.41 1.72 -15.45
C GLU A 37 11.75 2.02 -16.90
N ALA A 38 11.10 3.05 -17.44
CA ALA A 38 11.32 3.44 -18.84
C ALA A 38 11.17 4.94 -19.01
N LYS A 39 11.98 5.50 -19.91
CA LYS A 39 11.92 6.94 -20.20
C LYS A 39 11.05 7.20 -21.43
N ASN A 40 10.06 8.06 -21.26
CA ASN A 40 9.26 8.49 -22.41
C ASN A 40 10.11 9.41 -23.30
N LYS A 41 10.21 9.05 -24.57
CA LYS A 41 11.06 9.77 -25.52
C LYS A 41 10.63 11.22 -25.73
N VAL A 42 9.32 11.45 -25.80
CA VAL A 42 8.79 12.79 -26.06
C VAL A 42 8.88 13.72 -24.83
N ASP A 43 8.47 13.25 -23.67
CA ASP A 43 8.46 14.14 -22.50
C ASP A 43 9.70 14.06 -21.60
N ASP A 44 10.59 13.12 -21.92
CA ASP A 44 11.89 12.96 -21.25
C ASP A 44 11.81 12.55 -19.77
N CYS A 45 10.65 12.11 -19.31
CA CYS A 45 10.47 11.69 -17.92
C CYS A 45 10.56 10.18 -17.79
N ASN A 46 11.03 9.72 -16.64
CA ASN A 46 11.10 8.30 -16.31
C ASN A 46 9.81 7.88 -15.60
N TYR A 47 9.28 6.73 -16.01
CA TYR A 47 8.02 6.22 -15.47
C TYR A 47 8.17 4.78 -15.02
N ALA A 48 7.27 4.34 -14.14
CA ALA A 48 7.10 2.93 -13.88
C ALA A 48 6.00 2.42 -14.82
N ILE A 49 6.30 1.35 -15.53
CA ILE A 49 5.38 0.77 -16.49
C ILE A 49 5.10 -0.66 -16.07
N LYS A 50 3.86 -0.90 -15.63
CA LYS A 50 3.42 -2.25 -15.29
C LYS A 50 2.85 -2.90 -16.54
N ARG A 51 3.32 -4.09 -16.86
CA ARG A 51 2.80 -4.84 -18.00
C ARG A 51 2.10 -6.11 -17.50
N ILE A 52 0.81 -6.22 -17.80
CA ILE A 52 -0.01 -7.34 -17.35
C ILE A 52 -0.35 -8.21 -18.56
N ARG A 53 -0.01 -9.49 -18.50
CA ARG A 53 -0.51 -10.44 -19.48
C ARG A 53 -1.97 -10.70 -19.13
N LEU A 54 -2.88 -10.35 -20.04
CA LEU A 54 -4.31 -10.58 -19.79
C LEU A 54 -4.57 -12.06 -19.56
N PRO A 55 -5.23 -12.40 -18.43
CA PRO A 55 -5.51 -13.79 -18.06
C PRO A 55 -6.36 -14.54 -19.09
N ASN A 56 -6.35 -15.88 -19.02
CA ASN A 56 -7.14 -16.72 -19.91
C ASN A 56 -8.60 -16.85 -19.48
N ARG A 57 -8.84 -16.63 -18.18
CA ARG A 57 -10.17 -16.60 -17.59
C ARG A 57 -10.90 -15.32 -18.00
N GLU A 58 -12.08 -15.43 -18.61
CA GLU A 58 -12.83 -14.24 -19.05
C GLU A 58 -13.32 -13.34 -17.90
N LEU A 59 -13.63 -13.94 -16.75
CA LEU A 59 -14.06 -13.17 -15.58
C LEU A 59 -12.88 -12.43 -14.93
N ALA A 60 -11.70 -13.06 -14.97
CA ALA A 60 -10.46 -12.40 -14.54
C ALA A 60 -10.09 -11.24 -15.48
N ARG A 61 -10.29 -11.42 -16.78
CA ARG A 61 -10.08 -10.35 -17.76
C ARG A 61 -11.05 -9.18 -17.53
N GLU A 62 -12.30 -9.51 -17.23
CA GLU A 62 -13.31 -8.51 -16.89
C GLU A 62 -12.82 -7.65 -15.72
N LYS A 63 -12.28 -8.32 -14.69
CA LYS A 63 -11.78 -7.64 -13.51
C LYS A 63 -10.62 -6.70 -13.86
N VAL A 64 -9.65 -7.19 -14.62
CA VAL A 64 -8.51 -6.37 -15.06
C VAL A 64 -8.96 -5.09 -15.79
N MET A 65 -9.84 -5.25 -16.79
CA MET A 65 -10.31 -4.11 -17.60
C MET A 65 -11.12 -3.11 -16.79
N ARG A 66 -11.88 -3.62 -15.82
CA ARG A 66 -12.65 -2.77 -14.92
C ARG A 66 -11.73 -2.03 -13.93
N GLU A 67 -10.72 -2.72 -13.42
CA GLU A 67 -9.83 -2.09 -12.43
C GLU A 67 -8.94 -0.99 -13.02
N VAL A 68 -8.57 -1.12 -14.29
CA VAL A 68 -7.79 -0.06 -14.94
C VAL A 68 -8.64 1.21 -15.13
N LYS A 69 -9.90 1.04 -15.49
CA LYS A 69 -10.86 2.15 -15.57
C LYS A 69 -11.07 2.84 -14.21
N ALA A 70 -11.20 2.04 -13.15
CA ALA A 70 -11.30 2.58 -11.79
C ALA A 70 -10.04 3.35 -11.37
N LEU A 71 -8.87 2.79 -11.66
CA LEU A 71 -7.60 3.43 -11.34
C LEU A 71 -7.48 4.81 -12.00
N ALA A 72 -7.89 4.88 -13.28
CA ALA A 72 -7.81 6.11 -14.06
C ALA A 72 -8.64 7.26 -13.49
N LYS A 73 -9.69 6.94 -12.73
CA LYS A 73 -10.55 7.95 -12.10
C LYS A 73 -10.00 8.50 -10.78
N LEU A 74 -8.97 7.84 -10.25
CA LEU A 74 -8.44 8.14 -8.92
C LEU A 74 -7.41 9.27 -8.93
N GLU A 75 -7.64 10.29 -8.09
CA GLU A 75 -6.66 11.35 -7.89
C GLU A 75 -6.59 11.76 -6.43
N HIS A 76 -5.45 11.50 -5.80
CA HIS A 76 -5.23 11.82 -4.39
C HIS A 76 -3.74 11.86 -4.10
N PRO A 77 -3.29 12.78 -3.23
CA PRO A 77 -1.85 12.86 -2.95
C PRO A 77 -1.26 11.56 -2.39
N GLY A 78 -2.09 10.69 -1.82
CA GLY A 78 -1.64 9.43 -1.25
C GLY A 78 -1.86 8.20 -2.12
N ILE A 79 -2.23 8.42 -3.39
CA ILE A 79 -2.45 7.33 -4.33
C ILE A 79 -1.45 7.48 -5.47
N VAL A 80 -0.80 6.38 -5.86
CA VAL A 80 0.17 6.40 -6.97
C VAL A 80 -0.46 7.07 -8.21
N ARG A 81 0.28 7.99 -8.82
CA ARG A 81 -0.24 8.81 -9.90
C ARG A 81 -0.27 8.07 -11.23
N TYR A 82 -1.47 8.00 -11.83
CA TYR A 82 -1.70 7.33 -13.11
C TYR A 82 -1.45 8.28 -14.28
N PHE A 83 -0.86 7.76 -15.36
CA PHE A 83 -0.67 8.54 -16.58
C PHE A 83 -1.40 7.98 -17.80
N ASN A 84 -1.23 6.68 -18.06
CA ASN A 84 -1.73 6.06 -19.29
CA ASN A 84 -1.75 6.07 -19.28
C ASN A 84 -1.93 4.56 -19.14
N ALA A 85 -2.79 4.01 -20.00
CA ALA A 85 -2.99 2.57 -20.10
C ALA A 85 -3.29 2.23 -21.56
N TRP A 86 -2.69 1.15 -22.04
CA TRP A 86 -2.93 0.70 -23.41
C TRP A 86 -2.75 -0.80 -23.55
N LEU A 87 -3.27 -1.35 -24.63
CA LEU A 87 -3.17 -2.78 -24.91
C LEU A 87 -2.23 -3.02 -26.09
N GLU A 88 -1.50 -4.12 -26.02
CA GLU A 88 -0.66 -4.57 -27.13
C GLU A 88 -0.89 -6.05 -27.39
N ALA A 89 -1.00 -6.41 -28.66
CA ALA A 89 -1.19 -7.80 -29.06
C ALA A 89 -0.16 -8.19 -30.11
N PRO A 90 1.07 -8.53 -29.69
CA PRO A 90 2.17 -8.86 -30.59
C PRO A 90 1.96 -10.20 -31.31
N PRO A 91 2.74 -10.45 -32.39
CA PRO A 91 2.62 -11.72 -33.14
C PRO A 91 2.89 -12.95 -32.28
N LYS A 104 0.33 -13.03 -24.97
CA LYS A 104 -0.63 -12.96 -26.05
C LYS A 104 -1.15 -11.53 -26.18
N VAL A 105 -1.95 -11.10 -25.20
CA VAL A 105 -2.37 -9.69 -25.10
C VAL A 105 -1.86 -9.10 -23.78
N TYR A 106 -1.22 -7.94 -23.87
CA TYR A 106 -0.68 -7.26 -22.69
C TYR A 106 -1.36 -5.93 -22.43
N LEU A 107 -1.65 -5.66 -21.16
CA LEU A 107 -2.09 -4.34 -20.74
C LEU A 107 -0.92 -3.64 -20.06
N TYR A 108 -0.58 -2.47 -20.58
CA TYR A 108 0.46 -1.64 -20.00
C TYR A 108 -0.16 -0.52 -19.20
N ILE A 109 0.34 -0.29 -17.98
CA ILE A 109 -0.12 0.84 -17.18
C ILE A 109 1.10 1.70 -16.81
N GLN A 110 1.03 2.97 -17.21
CA GLN A 110 2.09 3.94 -16.96
C GLN A 110 1.77 4.77 -15.73
N MET A 111 2.67 4.74 -14.74
N MET A 111 2.68 4.75 -14.75
CA MET A 111 2.47 5.53 -13.53
CA MET A 111 2.49 5.46 -13.49
C MET A 111 3.74 6.23 -13.08
C MET A 111 3.75 6.22 -13.07
N GLN A 112 3.58 7.14 -12.11
CA GLN A 112 4.70 7.90 -11.58
C GLN A 112 5.73 6.97 -10.95
N LEU A 113 6.99 7.18 -11.29
CA LEU A 113 8.07 6.38 -10.75
C LEU A 113 8.34 6.74 -9.29
N CYS A 114 8.22 5.77 -8.40
CA CYS A 114 8.51 5.97 -6.99
C CYS A 114 9.92 5.48 -6.64
N ARG A 115 10.30 5.67 -5.38
CA ARG A 115 11.58 5.19 -4.85
C ARG A 115 11.64 3.66 -4.81
N LYS A 116 12.85 3.11 -4.89
CA LYS A 116 13.08 1.65 -4.80
C LYS A 116 12.51 1.06 -3.50
N GLU A 117 12.81 1.73 -2.39
CA GLU A 117 12.41 1.27 -1.07
C GLU A 117 10.93 1.53 -0.79
N ASN A 118 10.18 0.45 -0.53
CA ASN A 118 8.80 0.55 -0.05
C ASN A 118 8.79 0.57 1.48
N LEU A 119 7.60 0.57 2.10
CA LEU A 119 7.50 0.65 3.55
C LEU A 119 8.06 -0.58 4.27
N LYS A 120 7.90 -1.76 3.67
CA LYS A 120 8.51 -2.98 4.20
C LYS A 120 10.03 -2.84 4.29
N ASP A 121 10.65 -2.36 3.21
CA ASP A 121 12.08 -2.08 3.16
C ASP A 121 12.46 -1.01 4.19
N TRP A 122 11.67 0.04 4.27
CA TRP A 122 11.91 1.16 5.17
C TRP A 122 11.98 0.69 6.62
N MET A 123 11.02 -0.17 6.99
CA MET A 123 10.99 -0.72 8.34
C MET A 123 12.14 -1.69 8.59
N ASN A 124 12.48 -2.48 7.56
CA ASN A 124 13.61 -3.41 7.65
C ASN A 124 14.97 -2.72 7.80
N GLY A 125 15.04 -1.45 7.41
CA GLY A 125 16.26 -0.66 7.54
C GLY A 125 16.31 0.17 8.81
N ARG A 126 15.21 0.20 9.54
CA ARG A 126 15.10 0.96 10.79
C ARG A 126 14.68 0.02 11.92
N CYS A 127 15.67 -0.66 12.51
CA CYS A 127 15.39 -1.76 13.42
C CYS A 127 15.56 -1.43 14.91
N THR A 128 15.68 -0.15 15.24
CA THR A 128 15.75 0.29 16.63
C THR A 128 14.63 1.28 16.93
N ILE A 129 14.29 1.40 18.21
CA ILE A 129 13.20 2.28 18.63
CA ILE A 129 13.22 2.30 18.68
C ILE A 129 13.53 3.76 18.33
N GLU A 130 14.81 4.12 18.44
CA GLU A 130 15.29 5.46 18.08
C GLU A 130 14.96 5.80 16.62
N GLU A 131 14.93 4.77 15.77
CA GLU A 131 14.66 4.95 14.33
C GLU A 131 13.17 4.93 14.01
N ARG A 132 12.35 4.74 15.03
CA ARG A 132 10.89 4.76 14.88
C ARG A 132 10.29 5.81 15.80
N GLU A 133 10.73 7.06 15.66
CA GLU A 133 10.23 8.13 16.53
C GLU A 133 8.73 8.30 16.30
N ARG A 134 8.00 8.37 17.41
CA ARG A 134 6.55 8.40 17.42
C ARG A 134 5.93 9.29 16.32
N SER A 135 6.35 10.56 16.29
CA SER A 135 5.78 11.53 15.34
C SER A 135 6.05 11.18 13.88
N VAL A 136 7.23 10.62 13.61
CA VAL A 136 7.56 10.18 12.26
C VAL A 136 6.63 9.04 11.84
N CYS A 137 6.48 8.04 12.72
CA CYS A 137 5.64 6.89 12.45
C CYS A 137 4.17 7.28 12.26
N LEU A 138 3.70 8.19 13.11
CA LEU A 138 2.33 8.72 13.04
C LEU A 138 2.08 9.50 11.75
N HIS A 139 3.10 10.22 11.29
CA HIS A 139 3.05 11.00 10.06
C HIS A 139 2.92 10.09 8.84
N ILE A 140 3.71 9.01 8.80
CA ILE A 140 3.58 7.99 7.77
C ILE A 140 2.20 7.33 7.84
N PHE A 141 1.81 6.88 9.03
CA PHE A 141 0.52 6.21 9.18
C PHE A 141 -0.66 7.09 8.77
N LEU A 142 -0.63 8.36 9.16
CA LEU A 142 -1.71 9.29 8.85
C LEU A 142 -1.93 9.41 7.34
N GLN A 143 -0.83 9.46 6.59
CA GLN A 143 -0.90 9.52 5.12
C GLN A 143 -1.56 8.28 4.52
N ILE A 144 -1.22 7.11 5.07
CA ILE A 144 -1.83 5.84 4.63
C ILE A 144 -3.32 5.85 4.95
N ALA A 145 -3.67 6.27 6.17
CA ALA A 145 -5.06 6.33 6.61
C ALA A 145 -5.89 7.31 5.78
N GLU A 146 -5.29 8.45 5.43
CA GLU A 146 -5.94 9.45 4.58
C GLU A 146 -6.20 8.92 3.16
N ALA A 147 -5.25 8.15 2.64
CA ALA A 147 -5.42 7.49 1.35
C ALA A 147 -6.55 6.45 1.39
N VAL A 148 -6.61 5.69 2.48
CA VAL A 148 -7.67 4.70 2.67
C VAL A 148 -9.05 5.35 2.83
N GLU A 149 -9.13 6.41 3.64
CA GLU A 149 -10.39 7.14 3.79
C GLU A 149 -10.85 7.76 2.46
N PHE A 150 -9.90 8.14 1.61
CA PHE A 150 -10.23 8.63 0.27
C PHE A 150 -10.90 7.52 -0.54
N LEU A 151 -10.28 6.34 -0.56
CA LEU A 151 -10.87 5.17 -1.24
C LEU A 151 -12.27 4.84 -0.73
N HIS A 152 -12.44 4.85 0.60
CA HIS A 152 -13.73 4.53 1.21
C HIS A 152 -14.80 5.56 0.90
N SER A 153 -14.40 6.82 0.75
CA SER A 153 -15.32 7.89 0.39
C SER A 153 -15.81 7.75 -1.07
N LYS A 154 -14.99 7.11 -1.90
CA LYS A 154 -15.34 6.85 -3.30
C LYS A 154 -16.12 5.55 -3.49
N GLY A 155 -16.43 4.88 -2.37
CA GLY A 155 -17.11 3.59 -2.42
C GLY A 155 -16.19 2.48 -2.87
N LEU A 156 -14.89 2.69 -2.67
CA LEU A 156 -13.88 1.69 -3.02
C LEU A 156 -13.22 1.17 -1.76
N MET A 157 -12.53 0.05 -1.91
CA MET A 157 -11.69 -0.45 -0.83
C MET A 157 -10.39 -1.00 -1.44
N HIS A 158 -9.38 -1.14 -0.61
CA HIS A 158 -8.09 -1.62 -1.07
C HIS A 158 -8.02 -3.14 -1.13
N ARG A 159 -8.30 -3.80 0.00
CA ARG A 159 -8.35 -5.28 0.11
C ARG A 159 -7.01 -5.97 0.38
N ASN A 160 -5.92 -5.32 -0.02
N ASN A 160 -5.92 -5.32 -0.02
CA ASN A 160 -4.58 -5.91 0.06
CA ASN A 160 -4.58 -5.92 0.06
C ASN A 160 -3.55 -4.96 0.66
C ASN A 160 -3.55 -4.97 0.66
N LEU A 161 -3.97 -4.25 1.70
CA LEU A 161 -3.12 -3.27 2.35
C LEU A 161 -2.03 -3.98 3.16
N LYS A 162 -0.79 -3.60 2.90
CA LYS A 162 0.39 -4.15 3.59
C LYS A 162 1.60 -3.25 3.27
N PRO A 163 2.64 -3.28 4.12
CA PRO A 163 3.80 -2.39 3.93
C PRO A 163 4.44 -2.46 2.55
N SER A 164 4.51 -3.65 1.95
CA SER A 164 5.07 -3.81 0.60
C SER A 164 4.24 -3.12 -0.48
N ASN A 165 2.99 -2.78 -0.16
CA ASN A 165 2.13 -2.04 -1.07
C ASN A 165 2.09 -0.54 -0.77
N ILE A 166 2.98 -0.10 0.12
CA ILE A 166 3.11 1.31 0.47
C ILE A 166 4.44 1.82 -0.05
N PHE A 167 4.39 2.81 -0.93
CA PHE A 167 5.54 3.31 -1.67
C PHE A 167 5.86 4.74 -1.23
N PHE A 168 7.00 5.25 -1.65
CA PHE A 168 7.42 6.63 -1.37
C PHE A 168 7.79 7.31 -2.68
N THR A 169 7.31 8.54 -2.86
CA THR A 169 7.79 9.39 -3.96
C THR A 169 9.23 9.81 -3.67
N MET A 170 9.87 10.42 -4.67
CA MET A 170 11.21 11.00 -4.51
C MET A 170 11.27 12.01 -3.36
N ASP A 171 10.13 12.62 -3.02
CA ASP A 171 10.04 13.56 -1.91
C ASP A 171 9.42 12.95 -0.66
N ASP A 172 9.43 11.62 -0.59
CA ASP A 172 8.92 10.87 0.56
C ASP A 172 7.44 11.06 0.90
N VAL A 173 6.60 11.48 -0.03
CA VAL A 173 5.17 11.42 0.27
C VAL A 173 4.74 9.97 0.07
N VAL A 174 3.97 9.44 1.02
CA VAL A 174 3.62 8.03 0.93
C VAL A 174 2.53 7.84 -0.11
N LYS A 175 2.64 6.74 -0.84
CA LYS A 175 1.71 6.42 -1.92
C LYS A 175 1.21 5.00 -1.72
N VAL A 176 -0.10 4.87 -1.59
CA VAL A 176 -0.72 3.56 -1.46
C VAL A 176 -0.98 3.03 -2.88
N GLY A 177 -0.57 1.79 -3.11
CA GLY A 177 -0.82 1.13 -4.38
C GLY A 177 -1.01 -0.37 -4.17
N ASP A 178 -0.94 -1.12 -5.25
N ASP A 178 -0.94 -1.12 -5.25
CA ASP A 178 -1.01 -2.57 -5.20
CA ASP A 178 -1.00 -2.57 -5.19
C ASP A 178 -0.14 -3.12 -6.31
C ASP A 178 -0.14 -3.12 -6.31
N PHE A 179 1.02 -3.63 -5.94
CA PHE A 179 1.98 -4.17 -6.90
C PHE A 179 1.36 -5.27 -7.76
N GLY A 180 0.58 -6.14 -7.13
CA GLY A 180 -0.16 -7.18 -7.85
C GLY A 180 -1.43 -6.65 -8.49
N THR A 210 2.48 -12.34 4.16
CA THR A 210 1.68 -12.52 2.95
C THR A 210 0.19 -12.50 3.27
N LYS A 211 -0.20 -13.26 4.29
CA LYS A 211 -1.57 -13.24 4.80
C LYS A 211 -1.65 -12.56 6.16
N LEU A 212 -0.51 -12.10 6.67
CA LEU A 212 -0.42 -11.52 8.01
C LEU A 212 -1.25 -10.25 8.22
N TYR A 213 -1.58 -9.55 7.14
CA TYR A 213 -2.31 -8.28 7.23
C TYR A 213 -3.79 -8.37 6.82
N MET A 214 -4.22 -9.48 6.26
CA MET A 214 -5.61 -9.54 5.82
C MET A 214 -6.59 -9.89 6.94
N SER A 215 -7.79 -9.32 6.84
CA SER A 215 -8.84 -9.50 7.82
C SER A 215 -9.21 -10.97 7.99
N PRO A 216 -9.70 -11.36 9.19
CA PRO A 216 -10.14 -12.74 9.41
C PRO A 216 -11.23 -13.18 8.43
N GLU A 217 -12.13 -12.26 8.07
CA GLU A 217 -13.23 -12.58 7.15
C GLU A 217 -12.71 -12.95 5.74
N GLN A 218 -11.66 -12.27 5.30
CA GLN A 218 -10.99 -12.57 4.03
C GLN A 218 -10.26 -13.91 4.05
N ILE A 219 -9.52 -14.17 5.13
CA ILE A 219 -8.80 -15.43 5.31
C ILE A 219 -9.75 -16.64 5.21
N HIS A 220 -10.92 -16.53 5.82
CA HIS A 220 -11.93 -17.59 5.79
C HIS A 220 -12.72 -17.65 4.47
N GLY A 221 -12.48 -16.68 3.60
CA GLY A 221 -13.18 -16.61 2.30
C GLY A 221 -14.64 -16.24 2.42
N ASN A 222 -14.96 -15.43 3.43
CA ASN A 222 -16.32 -14.97 3.67
C ASN A 222 -16.56 -13.66 2.94
N SER A 223 -17.81 -13.24 2.84
CA SER A 223 -18.14 -11.92 2.32
C SER A 223 -17.59 -10.86 3.26
N TYR A 224 -17.37 -9.65 2.75
CA TYR A 224 -16.69 -8.61 3.51
C TYR A 224 -17.06 -7.21 3.06
N SER A 225 -16.63 -6.22 3.82
CA SER A 225 -16.89 -4.81 3.53
C SER A 225 -15.58 -4.02 3.56
N HIS A 226 -15.68 -2.69 3.39
CA HIS A 226 -14.53 -1.80 3.48
C HIS A 226 -13.78 -1.91 4.81
N LYS A 227 -14.43 -2.47 5.83
CA LYS A 227 -13.82 -2.65 7.15
C LYS A 227 -12.58 -3.58 7.15
N VAL A 228 -12.40 -4.35 6.08
CA VAL A 228 -11.19 -5.17 5.94
C VAL A 228 -9.91 -4.32 5.93
N ASP A 229 -9.98 -3.12 5.34
CA ASP A 229 -8.85 -2.21 5.27
C ASP A 229 -8.46 -1.65 6.63
N ILE A 230 -9.45 -1.48 7.50
CA ILE A 230 -9.21 -0.97 8.85
C ILE A 230 -8.41 -1.98 9.67
N PHE A 231 -8.71 -3.26 9.47
CA PHE A 231 -7.96 -4.34 10.12
C PHE A 231 -6.49 -4.29 9.73
N SER A 232 -6.21 -4.16 8.43
CA SER A 232 -4.85 -4.06 7.93
C SER A 232 -4.13 -2.83 8.47
N LEU A 233 -4.85 -1.70 8.53
CA LEU A 233 -4.34 -0.46 9.13
C LEU A 233 -3.87 -0.63 10.58
N GLY A 234 -4.64 -1.39 11.36
CA GLY A 234 -4.29 -1.66 12.75
C GLY A 234 -2.92 -2.31 12.88
N LEU A 235 -2.69 -3.35 12.08
CA LEU A 235 -1.41 -4.07 12.13
C LEU A 235 -0.25 -3.21 11.66
N ILE A 236 -0.50 -2.40 10.62
CA ILE A 236 0.49 -1.47 10.09
C ILE A 236 0.89 -0.41 11.14
N LEU A 237 -0.10 0.16 11.83
CA LEU A 237 0.19 1.13 12.90
C LEU A 237 1.08 0.53 13.98
N PHE A 238 0.74 -0.68 14.43
CA PHE A 238 1.56 -1.39 15.41
C PHE A 238 2.97 -1.62 14.88
N GLU A 239 3.07 -2.13 13.65
CA GLU A 239 4.36 -2.49 13.07
C GLU A 239 5.28 -1.28 12.89
N LEU A 240 4.70 -0.14 12.52
CA LEU A 240 5.45 1.11 12.44
C LEU A 240 6.10 1.51 13.77
N LEU A 241 5.35 1.32 14.85
CA LEU A 241 5.79 1.73 16.17
C LEU A 241 6.68 0.70 16.86
N TYR A 242 6.66 -0.54 16.38
CA TYR A 242 7.37 -1.62 17.04
C TYR A 242 8.39 -2.27 16.11
N PRO A 243 9.67 -1.89 16.22
CA PRO A 243 10.71 -2.44 15.34
C PRO A 243 11.08 -3.89 15.68
N PHE A 244 11.43 -4.67 14.65
CA PHE A 244 11.86 -6.05 14.80
C PHE A 244 13.32 -6.24 14.39
N SER A 245 13.97 -7.23 14.98
CA SER A 245 15.36 -7.60 14.68
C SER A 245 15.47 -8.82 13.77
N THR A 246 14.45 -9.68 13.79
CA THR A 246 14.42 -10.89 12.95
C THR A 246 13.04 -11.11 12.34
N GLN A 247 13.00 -11.81 11.21
CA GLN A 247 11.74 -12.22 10.59
C GLN A 247 10.91 -13.12 11.52
N MET A 248 11.60 -14.01 12.23
CA MET A 248 10.95 -14.91 13.20
C MET A 248 10.23 -14.13 14.31
N GLU A 249 10.90 -13.13 14.86
CA GLU A 249 10.30 -12.25 15.86
C GLU A 249 9.11 -11.49 15.28
N ARG A 250 9.26 -11.00 14.05
CA ARG A 250 8.18 -10.28 13.37
C ARG A 250 6.93 -11.15 13.19
N VAL A 251 7.11 -12.36 12.66
CA VAL A 251 5.99 -13.27 12.43
C VAL A 251 5.28 -13.62 13.74
N ARG A 252 6.05 -14.01 14.76
CA ARG A 252 5.49 -14.39 16.06
C ARG A 252 4.70 -13.25 16.71
N THR A 253 5.27 -12.05 16.71
CA THR A 253 4.65 -10.88 17.34
C THR A 253 3.38 -10.42 16.61
N LEU A 254 3.47 -10.30 15.28
CA LEU A 254 2.32 -9.87 14.48
C LEU A 254 1.15 -10.86 14.57
N THR A 255 1.46 -12.15 14.63
CA THR A 255 0.45 -13.19 14.84
C THR A 255 -0.25 -13.01 16.18
N ASP A 256 0.53 -12.73 17.23
CA ASP A 256 -0.01 -12.44 18.55
C ASP A 256 -0.90 -11.20 18.56
N VAL A 257 -0.41 -10.12 17.93
CA VAL A 257 -1.13 -8.85 17.83
C VAL A 257 -2.46 -9.03 17.10
N ARG A 258 -2.46 -9.85 16.05
CA ARG A 258 -3.69 -10.26 15.35
C ARG A 258 -4.75 -10.80 16.32
N ASN A 259 -4.29 -11.54 17.32
CA ASN A 259 -5.18 -12.10 18.35
C ASN A 259 -5.25 -11.23 19.60
N LEU A 260 -4.91 -9.95 19.44
CA LEU A 260 -4.96 -8.95 20.51
C LEU A 260 -4.06 -9.26 21.72
N LYS A 261 -2.96 -9.99 21.48
CA LYS A 261 -1.92 -10.18 22.48
C LYS A 261 -0.75 -9.26 22.16
N PHE A 262 -0.57 -8.24 23.00
CA PHE A 262 0.39 -7.17 22.73
C PHE A 262 1.65 -7.30 23.59
N PRO A 263 2.82 -6.93 23.03
CA PRO A 263 4.03 -6.83 23.84
C PRO A 263 3.85 -5.78 24.94
N PRO A 264 4.17 -6.14 26.19
CA PRO A 264 3.94 -5.28 27.35
C PRO A 264 4.56 -3.88 27.23
N LEU A 265 5.72 -3.79 26.60
CA LEU A 265 6.40 -2.50 26.45
C LEU A 265 5.71 -1.56 25.46
N PHE A 266 4.99 -2.13 24.49
CA PHE A 266 4.22 -1.32 23.53
C PHE A 266 3.03 -0.66 24.21
N THR A 267 2.30 -1.44 25.00
CA THR A 267 1.12 -0.95 25.73
C THR A 267 1.48 0.17 26.70
N GLN A 268 2.66 0.05 27.32
CA GLN A 268 3.15 1.02 28.31
C GLN A 268 3.62 2.31 27.65
N LYS A 269 4.40 2.20 26.57
CA LYS A 269 4.95 3.35 25.87
C LYS A 269 3.92 4.09 25.02
N TYR A 270 2.98 3.34 24.44
CA TYR A 270 1.99 3.93 23.54
C TYR A 270 0.54 3.61 23.94
N PRO A 271 0.07 4.13 25.09
CA PRO A 271 -1.29 3.83 25.55
C PRO A 271 -2.39 4.19 24.55
N CYS A 272 -2.27 5.37 23.92
CA CYS A 272 -3.31 5.87 23.02
C CYS A 272 -3.41 5.07 21.73
N GLU A 273 -2.28 4.84 21.07
CA GLU A 273 -2.30 4.02 19.86
C GLU A 273 -2.57 2.53 20.14
N TYR A 274 -2.24 2.08 21.35
CA TYR A 274 -2.62 0.73 21.79
C TYR A 274 -4.14 0.56 21.77
N VAL A 275 -4.85 1.56 22.28
CA VAL A 275 -6.31 1.58 22.27
C VAL A 275 -6.87 1.53 20.83
N MET A 276 -6.35 2.38 19.96
CA MET A 276 -6.86 2.43 18.59
C MET A 276 -6.49 1.22 17.73
N VAL A 277 -5.34 0.60 17.99
CA VAL A 277 -4.99 -0.67 17.34
C VAL A 277 -5.96 -1.79 17.77
N GLN A 278 -6.24 -1.87 19.07
CA GLN A 278 -7.24 -2.80 19.59
C GLN A 278 -8.56 -2.68 18.84
N ASP A 279 -9.03 -1.44 18.68
CA ASP A 279 -10.29 -1.16 18.00
C ASP A 279 -10.28 -1.55 16.52
N MET A 280 -9.19 -1.23 15.83
CA MET A 280 -9.04 -1.55 14.41
C MET A 280 -8.95 -3.05 14.17
N LEU A 281 -8.46 -3.79 15.18
CA LEU A 281 -8.27 -5.23 15.04
C LEU A 281 -9.44 -6.05 15.61
N SER A 282 -10.57 -5.40 15.89
CA SER A 282 -11.77 -6.10 16.36
C SER A 282 -12.08 -7.26 15.42
N PRO A 283 -12.35 -8.45 16.00
CA PRO A 283 -12.78 -9.62 15.20
C PRO A 283 -14.07 -9.31 14.44
N SER A 284 -14.98 -8.56 15.07
CA SER A 284 -16.21 -8.12 14.44
C SER A 284 -15.95 -6.86 13.60
N PRO A 285 -16.20 -6.94 12.27
CA PRO A 285 -15.92 -5.81 11.38
C PRO A 285 -16.73 -4.57 11.73
N MET A 286 -17.96 -4.77 12.22
CA MET A 286 -18.85 -3.67 12.59
C MET A 286 -18.31 -2.75 13.70
N GLU A 287 -17.52 -3.32 14.62
N GLU A 287 -17.51 -3.33 14.60
CA GLU A 287 -16.97 -2.54 15.74
CA GLU A 287 -16.95 -2.61 15.74
C GLU A 287 -15.58 -1.94 15.46
C GLU A 287 -15.69 -1.81 15.38
N ARG A 288 -15.10 -2.10 14.23
CA ARG A 288 -13.90 -1.41 13.77
C ARG A 288 -14.29 0.02 13.40
N PRO A 289 -13.46 1.02 13.77
CA PRO A 289 -13.78 2.40 13.43
C PRO A 289 -13.69 2.68 11.94
N GLU A 290 -14.40 3.71 11.47
CA GLU A 290 -14.25 4.20 10.11
C GLU A 290 -12.93 4.95 10.00
N ALA A 291 -12.37 4.99 8.79
CA ALA A 291 -11.10 5.67 8.56
C ALA A 291 -11.15 7.15 8.92
N ILE A 292 -12.28 7.80 8.68
CA ILE A 292 -12.46 9.21 9.03
C ILE A 292 -12.36 9.44 10.55
N ASN A 293 -12.78 8.44 11.34
CA ASN A 293 -12.68 8.50 12.80
C ASN A 293 -11.24 8.30 13.27
N ILE A 294 -10.50 7.44 12.57
CA ILE A 294 -9.09 7.23 12.86
C ILE A 294 -8.30 8.52 12.62
N ILE A 295 -8.51 9.14 11.46
CA ILE A 295 -7.73 10.35 11.11
C ILE A 295 -8.00 11.54 12.02
N GLU A 296 -9.19 11.57 12.62
CA GLU A 296 -9.58 12.67 13.52
C GLU A 296 -9.13 12.47 14.97
N ASN A 297 -8.42 11.38 15.23
CA ASN A 297 -7.91 11.08 16.57
C ASN A 297 -6.86 12.10 17.02
N ALA A 298 -6.94 12.49 18.28
CA ALA A 298 -6.05 13.52 18.86
C ALA A 298 -4.56 13.20 18.69
N VAL A 299 -4.25 11.92 18.55
CA VAL A 299 -2.90 11.43 18.34
C VAL A 299 -2.20 12.04 17.12
N PHE A 300 -2.98 12.50 16.13
CA PHE A 300 -2.44 13.06 14.89
C PHE A 300 -2.47 14.59 14.82
N GLU A 301 -2.68 15.23 15.97
N GLU A 301 -2.71 15.23 15.97
CA GLU A 301 -2.96 16.67 16.05
CA GLU A 301 -2.97 16.68 16.03
C GLU A 301 -1.84 17.57 15.50
C GLU A 301 -1.84 17.56 15.50
N ASP A 302 -0.75 17.68 16.25
CA ASP A 302 0.35 18.57 15.87
C ASP A 302 1.66 17.83 15.67
N LEU A 303 1.66 16.97 14.65
CA LEU A 303 2.83 16.15 14.33
C LEU A 303 3.97 17.02 13.79
N ASP A 304 5.14 16.83 14.40
CA ASP A 304 6.34 17.54 13.99
C ASP A 304 7.56 16.71 14.39
N PHE A 305 8.59 16.77 13.56
CA PHE A 305 9.87 16.15 13.85
C PHE A 305 10.99 16.94 13.15
N PRO A 306 12.22 16.88 13.68
CA PRO A 306 13.29 17.62 13.00
C PRO A 306 13.51 17.09 11.58
N GLY A 307 13.44 17.98 10.60
CA GLY A 307 13.59 17.61 9.20
C GLY A 307 12.28 17.53 8.41
N LYS A 308 11.15 17.62 9.10
CA LYS A 308 9.83 17.59 8.45
C LYS A 308 9.65 18.80 7.53
N THR A 309 9.10 18.55 6.34
CA THR A 309 8.89 19.60 5.32
C THR A 309 8.15 20.83 5.87
N1 3Z2 B . 7.27 3.14 -8.92
N3 3Z2 B . -0.32 -0.53 -9.41
C4 3Z2 B . 7.90 1.99 -8.60
C5 3Z2 B . 7.17 0.80 -8.53
C6 3Z2 B . 7.83 -0.40 -8.20
C7 3Z2 B . 5.97 3.19 -9.16
C8 3Z2 B . 5.19 2.03 -9.11
C10 3Z2 B . 12.02 1.94 -8.12
C13 3Z2 B . 2.90 0.21 -7.85
C15 3Z2 B . 0.99 -0.42 -9.18
C17 3Z2 B . -1.33 -0.18 -8.61
C20 3Z2 B . -2.92 -1.23 -10.36
C21 3Z2 B . -6.30 -0.78 -9.30
C22 3Z2 B . -4.67 -2.42 -11.29
C24 3Z2 B . -5.35 -3.33 -13.43
C26 3Z2 B . -5.17 -4.79 -11.51
C28 3Z2 B . -4.22 0.30 -7.38
O2 3Z2 B . 11.27 0.75 -7.77
C2 3Z2 B . 9.93 0.80 -8.03
C3 3Z2 B . 9.27 1.99 -8.35
C1 3Z2 B . 9.20 -0.40 -7.96
O1 3Z2 B . 9.89 -1.54 -7.63
C11 3Z2 B . 9.23 -2.80 -7.85
C9 3Z2 B . 5.80 0.82 -8.79
O3 3Z2 B . 5.09 -0.35 -8.71
C12 3Z2 B . 3.73 -0.34 -8.83
C14 3Z2 B . 1.52 0.18 -8.02
C16 3Z2 B . 3.15 -0.93 -9.95
N2 3Z2 B . 1.83 -0.96 -10.09
O4 3Z2 B . -1.21 0.41 -7.54
C18 3Z2 B . -2.71 -0.57 -9.16
O5 3Z2 B . -2.03 -1.60 -11.12
N5 3Z2 B . -4.23 -1.38 -10.56
C23 3Z2 B . -4.96 -2.24 -12.65
C25 3Z2 B . -5.45 -4.61 -12.87
C27 3Z2 B . -4.78 -3.70 -10.72
N4 3Z2 B . -4.84 -0.99 -9.37
C19 3Z2 B . -3.97 -0.28 -8.63
C29 3Z2 B . -3.96 1.65 -7.12
C30 3Z2 B . -4.22 2.17 -5.85
N6 3Z2 B . -4.71 1.41 -4.88
C31 3Z2 B . -4.97 0.13 -5.08
C32 3Z2 B . -4.73 -0.47 -6.32
S SO4 C . 15.31 6.47 5.42
O1 SO4 C . 15.26 5.36 6.41
O2 SO4 C . 13.97 7.06 5.22
O3 SO4 C . 16.23 7.52 5.91
O4 SO4 C . 15.81 5.95 4.13
S SO4 D . 10.51 -9.67 -20.60
O1 SO4 D . 9.75 -9.92 -19.34
O2 SO4 D . 9.56 -9.51 -21.72
O3 SO4 D . 11.30 -8.44 -20.44
O4 SO4 D . 11.40 -10.81 -20.88
#